data_6GIC
#
_entry.id   6GIC
#
_cell.length_a   58.612
_cell.length_b   93.903
_cell.length_c   95.800
_cell.angle_alpha   90.00
_cell.angle_beta   90.00
_cell.angle_gamma   90.00
#
_symmetry.space_group_name_H-M   'P 21 21 21'
#
loop_
_entity.id
_entity.type
_entity.pdbx_description
1 polymer 'Glutathione transferase Omega 2S'
2 non-polymer 'MAGNESIUM ION'
3 non-polymer trans-oxyresveratrol
4 non-polymer cis-oxyresveratrol
5 water water
#
_entity_poly.entity_id   1
_entity_poly.type   'polypeptide(L)'
_entity_poly.pdbx_seq_one_letter_code
;MPCTEQITLYTTTFSPYGHRAHIALEEAGAEYTLCQINVHRDKPEWYKRVNPLGKVPAITFGGPQVPPDEPSPESEKLVE
SLALLEFVADVFPEAKLLPASPVQRARARAFIAIYQNYLHDQFRDAFFRGEPVGPFLQALETLQSALPPAGFAVGEWSLA
EAAVAPFLARMMLYLDAGLGKYSEADGETMRAALASERFARISQYVRDIRARASFVKSWGGDDVQLEAAKAIPMLRRPAH
HHHHH
;
_entity_poly.pdbx_strand_id   A,B
#
loop_
_chem_comp.id
_chem_comp.type
_chem_comp.name
_chem_comp.formula
EZE non-polymer trans-oxyresveratrol 'C14 H12 O4'
EZH non-polymer cis-oxyresveratrol 'C14 H12 O4'
MG non-polymer 'MAGNESIUM ION' 'Mg 2'
#
# COMPACT_ATOMS: atom_id res chain seq x y z
N CYS A 3 -22.62 -14.54 2.86
CA CYS A 3 -22.02 -15.15 1.67
C CYS A 3 -22.08 -16.70 1.56
N THR A 4 -22.33 -17.20 0.34
CA THR A 4 -22.39 -18.64 0.07
C THR A 4 -21.30 -19.17 -0.86
N GLU A 5 -20.61 -18.32 -1.60
CA GLU A 5 -19.54 -18.80 -2.47
C GLU A 5 -18.49 -19.50 -1.64
N GLN A 6 -17.78 -20.44 -2.26
CA GLN A 6 -16.68 -21.09 -1.56
C GLN A 6 -15.50 -20.14 -1.51
N ILE A 7 -14.83 -20.15 -0.37
CA ILE A 7 -13.62 -19.39 -0.14
C ILE A 7 -12.55 -20.39 0.23
N THR A 8 -11.41 -20.35 -0.47
CA THR A 8 -10.25 -21.16 -0.11
C THR A 8 -9.03 -20.25 -0.03
N LEU A 9 -8.30 -20.33 1.07
CA LEU A 9 -7.11 -19.52 1.26
C LEU A 9 -5.89 -20.42 1.12
N TYR A 10 -4.96 -20.00 0.29
CA TYR A 10 -3.71 -20.71 0.09
C TYR A 10 -2.58 -19.93 0.76
N THR A 11 -1.78 -20.63 1.56
CA THR A 11 -0.59 -20.08 2.18
C THR A 11 0.45 -21.16 2.35
N THR A 12 1.70 -20.73 2.44
CA THR A 12 2.73 -21.56 3.04
C THR A 12 2.55 -21.53 4.55
N THR A 13 3.06 -22.58 5.19
CA THR A 13 2.63 -22.95 6.54
C THR A 13 2.77 -21.80 7.54
N PHE A 14 3.89 -21.11 7.52
CA PHE A 14 4.19 -20.06 8.48
C PHE A 14 4.45 -18.74 7.76
N SER A 15 3.67 -18.45 6.77
CA SER A 15 3.79 -17.18 6.07
C SER A 15 3.09 -16.06 6.84
N PRO A 16 3.76 -14.94 7.09
CA PRO A 16 3.07 -13.84 7.77
C PRO A 16 2.10 -13.15 6.84
N TYR A 17 2.38 -13.18 5.54
CA TYR A 17 1.49 -12.58 4.56
C TYR A 17 0.16 -13.34 4.50
N GLY A 18 0.23 -14.65 4.43
CA GLY A 18 -0.97 -15.46 4.55
C GLY A 18 -1.63 -15.38 5.91
N HIS A 19 -0.83 -15.17 6.97
CA HIS A 19 -1.42 -15.02 8.30
C HIS A 19 -2.36 -13.81 8.30
N ARG A 20 -2.02 -12.77 7.55
CA ARG A 20 -2.94 -11.65 7.38
C ARG A 20 -4.33 -12.12 6.96
N ALA A 21 -4.39 -12.89 5.87
CA ALA A 21 -5.68 -13.27 5.30
C ALA A 21 -6.39 -14.24 6.21
N HIS A 22 -5.62 -15.06 6.95
CA HIS A 22 -6.22 -15.99 7.89
C HIS A 22 -6.92 -15.25 9.04
N ILE A 23 -6.31 -14.20 9.58
CA ILE A 23 -6.93 -13.42 10.67
C ILE A 23 -8.24 -12.82 10.21
N ALA A 24 -8.27 -12.27 8.99
CA ALA A 24 -9.46 -11.56 8.55
C ALA A 24 -10.60 -12.52 8.27
N LEU A 25 -10.30 -13.71 7.74
CA LEU A 25 -11.35 -14.68 7.50
C LEU A 25 -11.93 -15.15 8.83
N GLU A 26 -11.06 -15.29 9.83
CA GLU A 26 -11.54 -15.63 11.17
C GLU A 26 -12.42 -14.50 11.73
N GLU A 27 -11.93 -13.27 11.71
CA GLU A 27 -12.77 -12.15 12.21
C GLU A 27 -14.11 -12.09 11.50
N ALA A 28 -14.18 -12.51 10.23
CA ALA A 28 -15.39 -12.38 9.45
C ALA A 28 -16.41 -13.46 9.74
N GLY A 29 -16.06 -14.46 10.54
CA GLY A 29 -16.90 -15.64 10.64
C GLY A 29 -17.02 -16.45 9.36
N ALA A 30 -16.08 -16.33 8.43
CA ALA A 30 -16.28 -16.95 7.13
C ALA A 30 -16.18 -18.47 7.21
N GLU A 31 -16.96 -19.15 6.37
CA GLU A 31 -16.76 -20.55 6.03
C GLU A 31 -15.75 -20.64 4.88
N TYR A 32 -14.57 -21.20 5.17
CA TYR A 32 -13.53 -21.24 4.18
C TYR A 32 -12.71 -22.50 4.40
N THR A 33 -12.07 -22.95 3.31
CA THR A 33 -11.07 -24.00 3.36
C THR A 33 -9.69 -23.35 3.49
N LEU A 34 -8.83 -23.99 4.27
CA LEU A 34 -7.46 -23.55 4.47
C LEU A 34 -6.53 -24.61 3.88
N CYS A 35 -5.56 -24.16 3.11
CA CYS A 35 -4.63 -25.05 2.45
C CYS A 35 -3.22 -24.53 2.66
N GLN A 36 -2.44 -25.24 3.46
CA GLN A 36 -1.03 -24.93 3.66
C GLN A 36 -0.17 -25.87 2.81
N ILE A 37 1.06 -25.41 2.50
CA ILE A 37 1.96 -26.22 1.70
C ILE A 37 3.34 -26.49 2.33
N LYS A 43 6.73 -26.32 -3.89
CA LYS A 43 5.39 -25.97 -4.37
C LYS A 43 4.84 -27.02 -5.33
N PRO A 44 3.69 -27.60 -5.02
CA PRO A 44 3.15 -28.67 -5.90
C PRO A 44 2.91 -28.20 -7.32
N GLU A 45 3.00 -29.14 -8.26
CA GLU A 45 2.73 -28.81 -9.65
C GLU A 45 1.37 -28.15 -9.80
N TRP A 46 0.34 -28.67 -9.10
CA TRP A 46 -1.01 -28.15 -9.30
C TRP A 46 -1.14 -26.67 -8.94
N TYR A 47 -0.24 -26.11 -8.14
CA TYR A 47 -0.50 -24.78 -7.63
C TYR A 47 -0.51 -23.71 -8.73
N LYS A 48 0.14 -23.98 -9.87
CA LYS A 48 0.12 -22.99 -10.94
C LYS A 48 -1.29 -22.77 -11.45
N ARG A 49 -2.22 -23.68 -11.14
CA ARG A 49 -3.63 -23.44 -11.44
C ARG A 49 -4.27 -22.41 -10.49
N VAL A 50 -3.73 -22.23 -9.28
CA VAL A 50 -4.16 -21.12 -8.43
C VAL A 50 -3.57 -19.82 -8.94
N ASN A 51 -2.27 -19.82 -9.25
CA ASN A 51 -1.56 -18.64 -9.70
C ASN A 51 -0.36 -19.06 -10.55
N PRO A 52 -0.34 -18.75 -11.86
CA PRO A 52 0.77 -19.22 -12.69
C PRO A 52 2.13 -18.82 -12.19
N LEU A 53 2.21 -17.73 -11.44
CA LEU A 53 3.47 -17.22 -10.94
C LEU A 53 3.88 -17.82 -9.60
N GLY A 54 3.08 -18.71 -9.03
CA GLY A 54 3.38 -19.23 -7.72
C GLY A 54 3.22 -18.22 -6.61
N LYS A 55 2.44 -17.16 -6.84
CA LYS A 55 2.27 -16.14 -5.82
C LYS A 55 1.42 -16.68 -4.68
N VAL A 56 1.83 -16.37 -3.46
CA VAL A 56 1.10 -16.81 -2.32
C VAL A 56 1.29 -15.74 -1.24
N PRO A 57 0.24 -15.46 -0.45
CA PRO A 57 -1.07 -16.15 -0.35
C PRO A 57 -1.99 -15.94 -1.54
N ALA A 58 -3.03 -16.75 -1.61
CA ALA A 58 -4.03 -16.60 -2.64
C ALA A 58 -5.38 -17.04 -2.09
N ILE A 59 -6.43 -16.48 -2.68
CA ILE A 59 -7.80 -16.88 -2.38
C ILE A 59 -8.46 -17.32 -3.68
N THR A 60 -9.13 -18.48 -3.64
CA THR A 60 -10.11 -18.83 -4.66
C THR A 60 -11.49 -18.54 -4.10
N PHE A 61 -12.37 -18.14 -4.98
CA PHE A 61 -13.67 -17.62 -4.61
C PHE A 61 -14.70 -18.03 -5.64
N GLY A 62 -15.78 -18.64 -5.18
CA GLY A 62 -16.78 -19.16 -6.08
C GLY A 62 -16.31 -20.44 -6.78
N GLY A 63 -17.13 -20.84 -7.74
CA GLY A 63 -16.98 -22.12 -8.38
C GLY A 63 -17.52 -23.23 -7.49
N PRO A 64 -17.40 -24.46 -7.96
CA PRO A 64 -17.86 -25.59 -7.15
C PRO A 64 -16.98 -25.81 -5.92
N GLN A 65 -17.56 -26.45 -4.91
CA GLN A 65 -16.75 -26.97 -3.82
C GLN A 65 -15.77 -27.97 -4.40
N VAL A 66 -14.49 -27.77 -4.13
CA VAL A 66 -13.43 -28.62 -4.65
C VAL A 66 -12.38 -28.82 -3.59
N PRO A 67 -11.67 -29.93 -3.64
CA PRO A 67 -10.51 -30.05 -2.78
C PRO A 67 -9.48 -29.02 -3.19
N PRO A 68 -8.77 -28.42 -2.23
CA PRO A 68 -7.90 -27.29 -2.57
C PRO A 68 -6.86 -27.64 -3.62
N ASP A 69 -6.33 -28.87 -3.56
CA ASP A 69 -5.36 -29.26 -4.55
C ASP A 69 -6.00 -29.52 -5.92
N GLU A 70 -7.28 -29.28 -6.13
CA GLU A 70 -7.92 -29.37 -7.44
C GLU A 70 -8.74 -28.11 -7.68
N PRO A 71 -8.11 -26.94 -7.69
CA PRO A 71 -8.88 -25.71 -7.90
C PRO A 71 -9.65 -25.79 -9.21
N SER A 72 -10.86 -25.34 -9.17
CA SER A 72 -11.73 -25.38 -10.32
C SER A 72 -11.35 -24.29 -11.31
N PRO A 73 -11.46 -24.55 -12.60
CA PRO A 73 -11.32 -23.44 -13.55
C PRO A 73 -12.40 -22.36 -13.39
N GLU A 74 -13.52 -22.63 -12.70
CA GLU A 74 -14.54 -21.59 -12.57
C GLU A 74 -14.25 -20.53 -11.55
N SER A 75 -13.42 -20.80 -10.53
CA SER A 75 -13.33 -19.88 -9.40
C SER A 75 -12.48 -18.66 -9.75
N GLU A 76 -12.81 -17.54 -9.11
CA GLU A 76 -11.98 -16.33 -9.23
C GLU A 76 -10.77 -16.49 -8.31
N LYS A 77 -9.59 -16.16 -8.82
CA LYS A 77 -8.33 -16.27 -8.11
C LYS A 77 -7.81 -14.87 -7.80
N LEU A 78 -7.36 -14.68 -6.56
CA LEU A 78 -6.99 -13.36 -6.09
C LEU A 78 -5.73 -13.47 -5.25
N VAL A 79 -4.85 -12.48 -5.39
CA VAL A 79 -3.56 -12.44 -4.71
C VAL A 79 -3.35 -11.02 -4.22
N GLU A 80 -2.20 -10.82 -3.54
CA GLU A 80 -1.79 -9.56 -2.88
C GLU A 80 -2.46 -9.39 -1.52
N SER A 81 -1.70 -9.63 -0.46
CA SER A 81 -2.28 -9.83 0.86
C SER A 81 -3.15 -8.67 1.29
N LEU A 82 -2.72 -7.43 1.06
CA LEU A 82 -3.54 -6.31 1.51
C LEU A 82 -4.81 -6.16 0.69
N ALA A 83 -4.80 -6.56 -0.59
CA ALA A 83 -6.08 -6.60 -1.30
C ALA A 83 -6.95 -7.74 -0.82
N LEU A 84 -6.36 -8.85 -0.36
CA LEU A 84 -7.15 -9.93 0.21
C LEU A 84 -7.84 -9.47 1.49
N LEU A 85 -7.19 -8.62 2.26
CA LEU A 85 -7.85 -8.08 3.45
C LEU A 85 -9.10 -7.30 3.07
N GLU A 86 -8.94 -6.35 2.15
CA GLU A 86 -10.05 -5.52 1.69
C GLU A 86 -11.17 -6.38 1.11
N PHE A 87 -10.78 -7.45 0.42
CA PHE A 87 -11.75 -8.37 -0.18
C PHE A 87 -12.67 -9.01 0.88
N VAL A 88 -12.08 -9.62 1.91
CA VAL A 88 -12.88 -10.21 2.99
C VAL A 88 -13.80 -9.17 3.60
N ALA A 89 -13.26 -7.99 3.88
CA ALA A 89 -14.09 -6.94 4.44
C ALA A 89 -15.28 -6.63 3.54
N ASP A 90 -15.05 -6.55 2.22
CA ASP A 90 -16.11 -6.26 1.25
C ASP A 90 -17.10 -7.42 1.13
N VAL A 91 -16.62 -8.67 1.20
CA VAL A 91 -17.52 -9.82 1.10
C VAL A 91 -18.39 -9.97 2.35
N PHE A 92 -17.86 -9.62 3.52
CA PHE A 92 -18.57 -9.76 4.78
C PHE A 92 -18.73 -8.39 5.44
N PRO A 93 -19.46 -7.48 4.79
CA PRO A 93 -19.62 -6.14 5.38
C PRO A 93 -20.19 -6.19 6.76
N GLU A 94 -20.97 -7.23 7.05
CA GLU A 94 -21.66 -7.30 8.32
C GLU A 94 -20.71 -7.61 9.46
N ALA A 95 -19.52 -8.14 9.18
CA ALA A 95 -18.55 -8.36 10.25
C ALA A 95 -17.77 -7.10 10.61
N LYS A 96 -17.96 -6.00 9.90
CA LYS A 96 -17.35 -4.73 10.27
C LYS A 96 -15.84 -4.89 10.47
N LEU A 97 -15.19 -5.51 9.48
CA LEU A 97 -13.74 -5.70 9.51
C LEU A 97 -13.02 -4.38 9.42
N LEU A 98 -13.69 -3.35 8.93
CA LEU A 98 -13.29 -1.96 9.02
C LEU A 98 -14.36 -1.20 9.78
N PRO A 99 -14.03 -0.06 10.32
CA PRO A 99 -15.05 0.75 10.96
C PRO A 99 -16.02 1.38 9.97
N ALA A 100 -17.04 2.08 10.49
CA ALA A 100 -18.19 2.47 9.69
C ALA A 100 -17.98 3.80 8.97
N SER A 101 -17.41 4.79 9.65
CA SER A 101 -17.26 6.10 9.03
C SER A 101 -16.04 6.15 8.09
N PRO A 102 -16.14 6.96 7.04
CA PRO A 102 -15.00 7.13 6.13
C PRO A 102 -13.75 7.65 6.80
N VAL A 103 -13.87 8.55 7.78
CA VAL A 103 -12.69 9.05 8.46
C VAL A 103 -12.01 7.91 9.19
N GLN A 104 -12.78 7.12 9.94
CA GLN A 104 -12.18 6.05 10.72
C GLN A 104 -11.59 4.98 9.81
N ARG A 105 -12.27 4.65 8.70
CA ARG A 105 -11.68 3.74 7.73
C ARG A 105 -10.39 4.33 7.16
N ALA A 106 -10.37 5.65 6.95
CA ALA A 106 -9.18 6.30 6.44
C ALA A 106 -8.02 6.18 7.42
N ARG A 107 -8.30 6.23 8.72
CA ARG A 107 -7.22 6.08 9.68
C ARG A 107 -6.74 4.64 9.75
N ALA A 108 -7.64 3.66 9.64
CA ALA A 108 -7.18 2.27 9.61
C ALA A 108 -6.26 2.04 8.43
N ARG A 109 -6.60 2.61 7.26
CA ARG A 109 -5.76 2.39 6.09
C ARG A 109 -4.45 3.16 6.21
N ALA A 110 -4.50 4.40 6.69
CA ALA A 110 -3.25 5.13 6.92
C ALA A 110 -2.31 4.35 7.82
N PHE A 111 -2.85 3.68 8.84
CA PHE A 111 -2.02 2.92 9.76
C PHE A 111 -1.33 1.76 9.05
N ILE A 112 -2.05 1.06 8.17
CA ILE A 112 -1.42 0.02 7.37
C ILE A 112 -0.32 0.60 6.49
N ALA A 113 -0.55 1.79 5.89
CA ALA A 113 0.47 2.38 5.02
C ALA A 113 1.72 2.74 5.80
N ILE A 114 1.55 3.17 7.06
CA ILE A 114 2.72 3.46 7.89
C ILE A 114 3.54 2.20 8.06
N TYR A 115 2.88 1.07 8.30
CA TYR A 115 3.63 -0.16 8.44
C TYR A 115 4.33 -0.51 7.14
N GLN A 116 3.61 -0.48 6.01
CA GLN A 116 4.18 -0.89 4.72
C GLN A 116 5.32 0.02 4.28
N ASN A 117 5.13 1.33 4.42
CA ASN A 117 6.04 2.30 3.84
C ASN A 117 7.24 2.58 4.74
N TYR A 118 7.14 2.34 6.04
CA TYR A 118 8.16 2.76 7.00
C TYR A 118 8.73 1.62 7.84
N LEU A 119 7.91 0.69 8.31
CA LEU A 119 8.45 -0.29 9.24
C LEU A 119 8.79 -1.61 8.58
N HIS A 120 7.99 -2.05 7.61
CA HIS A 120 8.09 -3.40 7.06
C HIS A 120 9.49 -3.72 6.55
N ASP A 121 10.10 -2.79 5.81
CA ASP A 121 11.40 -3.06 5.20
C ASP A 121 12.50 -3.08 6.25
N GLN A 122 12.43 -2.21 7.27
CA GLN A 122 13.48 -2.20 8.30
C GLN A 122 13.35 -3.39 9.22
N PHE A 123 12.15 -3.86 9.49
CA PHE A 123 12.04 -5.15 10.14
C PHE A 123 12.88 -6.17 9.39
N ARG A 124 12.87 -6.11 8.06
CA ARG A 124 13.61 -7.11 7.28
C ARG A 124 15.11 -6.80 7.30
N ASP A 125 15.48 -5.53 7.20
CA ASP A 125 16.88 -5.13 7.37
C ASP A 125 17.44 -5.61 8.71
N ALA A 126 16.74 -5.32 9.81
CA ALA A 126 17.33 -5.57 11.11
C ALA A 126 17.34 -7.05 11.47
N PHE A 127 16.27 -7.76 11.15
CA PHE A 127 16.14 -9.15 11.56
C PHE A 127 16.61 -10.18 10.52
N PHE A 128 16.74 -9.83 9.23
CA PHE A 128 17.08 -10.81 8.19
C PHE A 128 18.33 -10.47 7.40
N ARG A 129 18.71 -9.20 7.38
CA ARG A 129 19.90 -8.79 6.65
C ARG A 129 20.98 -8.29 7.61
N GLY A 130 20.74 -8.43 8.90
CA GLY A 130 21.68 -8.00 9.92
C GLY A 130 22.20 -6.57 9.75
N GLU A 131 21.39 -5.67 9.21
CA GLU A 131 21.81 -4.30 8.98
C GLU A 131 21.70 -3.46 10.26
N PRO A 132 22.27 -2.26 10.26
CA PRO A 132 22.14 -1.37 11.41
C PRO A 132 20.70 -1.29 11.90
N VAL A 133 20.54 -1.45 13.20
CA VAL A 133 19.22 -1.58 13.81
C VAL A 133 18.54 -0.23 14.09
N GLY A 134 19.26 0.88 14.06
CA GLY A 134 18.71 2.16 14.46
C GLY A 134 17.38 2.48 13.81
N PRO A 135 17.34 2.40 12.47
CA PRO A 135 16.13 2.76 11.72
C PRO A 135 14.89 1.91 12.04
N PHE A 136 15.04 0.61 12.31
CA PHE A 136 13.93 -0.22 12.75
C PHE A 136 13.24 0.37 14.00
N LEU A 137 14.00 0.64 15.04
CA LEU A 137 13.42 1.17 16.28
C LEU A 137 12.71 2.49 16.05
N GLN A 138 13.22 3.33 15.14
CA GLN A 138 12.55 4.60 14.88
C GLN A 138 11.22 4.38 14.16
N ALA A 139 11.19 3.43 13.23
CA ALA A 139 9.97 3.12 12.51
C ALA A 139 8.97 2.41 13.42
N LEU A 140 9.47 1.57 14.33
CA LEU A 140 8.59 0.98 15.32
C LEU A 140 7.92 2.05 16.16
N GLU A 141 8.68 3.06 16.58
CA GLU A 141 8.14 4.17 17.33
C GLU A 141 7.09 4.92 16.53
N THR A 142 7.35 5.11 15.24
CA THR A 142 6.44 5.91 14.41
C THR A 142 5.09 5.23 14.28
N LEU A 143 5.11 3.93 13.99
CA LEU A 143 3.88 3.15 14.06
C LEU A 143 3.29 3.21 15.46
N GLN A 144 4.14 3.08 16.47
CA GLN A 144 3.62 3.12 17.84
C GLN A 144 2.89 4.43 18.08
N SER A 145 3.43 5.54 17.55
CA SER A 145 2.85 6.85 17.78
C SER A 145 1.49 7.02 17.15
N ALA A 146 1.15 6.22 16.14
CA ALA A 146 -0.17 6.31 15.53
C ALA A 146 -1.23 5.54 16.29
N LEU A 147 -0.85 4.83 17.39
CA LEU A 147 -1.87 4.11 18.17
C LEU A 147 -2.55 5.07 19.13
N PRO A 148 -3.82 4.86 19.42
CA PRO A 148 -4.44 5.54 20.54
C PRO A 148 -3.92 4.96 21.84
N PRO A 149 -4.15 5.65 22.95
CA PRO A 149 -3.60 5.16 24.24
C PRO A 149 -4.08 3.81 24.64
N ALA A 150 -5.27 3.40 24.22
CA ALA A 150 -5.75 2.06 24.46
C ALA A 150 -6.35 1.50 23.17
N GLY A 151 -6.73 0.24 23.24
CA GLY A 151 -7.41 -0.43 22.14
C GLY A 151 -6.49 -0.70 20.96
N PHE A 152 -7.12 -0.86 19.80
CA PHE A 152 -6.38 -1.17 18.59
C PHE A 152 -6.23 0.10 17.77
N ALA A 153 -5.71 -0.03 16.55
CA ALA A 153 -5.27 1.16 15.83
C ALA A 153 -6.38 2.19 15.67
N VAL A 154 -7.61 1.75 15.42
CA VAL A 154 -8.73 2.70 15.32
C VAL A 154 -9.77 2.38 16.38
N GLY A 155 -9.33 1.91 17.55
CA GLY A 155 -10.26 1.58 18.60
C GLY A 155 -10.60 0.11 18.55
N GLU A 156 -11.71 -0.24 17.91
CA GLU A 156 -11.97 -1.67 17.75
C GLU A 156 -11.02 -2.31 16.74
N TRP A 157 -10.89 -3.63 16.87
CA TRP A 157 -10.10 -4.42 15.93
C TRP A 157 -10.55 -4.15 14.50
N SER A 158 -9.59 -4.09 13.57
CA SER A 158 -9.86 -3.77 12.17
C SER A 158 -8.82 -4.48 11.31
N LEU A 159 -8.91 -4.24 10.00
CA LEU A 159 -7.90 -4.79 9.07
C LEU A 159 -6.52 -4.27 9.41
N ALA A 160 -6.43 -3.10 10.02
CA ALA A 160 -5.15 -2.65 10.52
C ALA A 160 -4.44 -3.78 11.28
N GLU A 161 -5.14 -4.43 12.20
CA GLU A 161 -4.52 -5.48 13.01
C GLU A 161 -4.20 -6.71 12.15
N ALA A 162 -5.14 -7.13 11.30
CA ALA A 162 -4.85 -8.21 10.37
C ALA A 162 -3.56 -7.93 9.61
N ALA A 163 -3.35 -6.68 9.21
CA ALA A 163 -2.17 -6.33 8.41
C ALA A 163 -0.88 -6.44 9.22
N VAL A 164 -0.87 -5.93 10.46
CA VAL A 164 0.41 -5.76 11.13
C VAL A 164 0.68 -6.85 12.16
N ALA A 165 -0.35 -7.45 12.72
CA ALA A 165 -0.15 -8.47 13.76
C ALA A 165 0.84 -9.56 13.39
N PRO A 166 0.74 -10.20 12.22
CA PRO A 166 1.64 -11.33 11.96
C PRO A 166 3.08 -10.94 12.04
N PHE A 167 3.38 -9.69 11.77
CA PHE A 167 4.77 -9.27 11.68
C PHE A 167 5.30 -8.81 13.04
N LEU A 168 4.50 -8.05 13.78
CA LEU A 168 4.90 -7.65 15.12
C LEU A 168 4.98 -8.87 16.04
N ALA A 169 4.09 -9.84 15.87
CA ALA A 169 4.15 -11.01 16.74
C ALA A 169 5.41 -11.82 16.47
N ARG A 170 5.80 -11.92 15.22
CA ARG A 170 7.03 -12.63 14.88
C ARG A 170 8.26 -11.86 15.35
N MET A 171 8.24 -10.52 15.24
CA MET A 171 9.37 -9.73 15.74
C MET A 171 9.64 -10.04 17.20
N MET A 172 8.60 -9.93 18.03
CA MET A 172 8.72 -10.23 19.45
C MET A 172 9.17 -11.67 19.68
N LEU A 173 8.60 -12.62 18.93
CA LEU A 173 8.98 -14.01 19.12
C LEU A 173 10.45 -14.22 18.83
N TYR A 174 10.92 -13.61 17.73
CA TYR A 174 12.33 -13.70 17.35
C TYR A 174 13.23 -13.05 18.39
N LEU A 175 12.86 -11.85 18.85
CA LEU A 175 13.69 -11.13 19.80
C LEU A 175 13.82 -11.89 21.11
N ASP A 176 12.68 -12.33 21.64
CA ASP A 176 12.68 -13.15 22.85
C ASP A 176 13.53 -14.40 22.65
N ALA A 177 13.52 -14.96 21.45
CA ALA A 177 14.22 -16.20 21.18
C ALA A 177 15.65 -16.00 20.74
N GLY A 178 16.08 -14.75 20.51
CA GLY A 178 17.38 -14.49 19.93
C GLY A 178 17.57 -14.99 18.51
N LEU A 179 16.49 -15.24 17.77
CA LEU A 179 16.58 -15.51 16.34
C LEU A 179 16.73 -14.19 15.56
N GLY A 180 17.35 -14.28 14.39
CA GLY A 180 17.68 -13.12 13.58
C GLY A 180 19.14 -13.11 13.21
N LYS A 181 19.48 -12.21 12.28
CA LYS A 181 20.85 -12.10 11.80
C LYS A 181 21.60 -10.92 12.35
N TYR A 182 20.96 -10.08 13.15
CA TYR A 182 21.62 -8.96 13.83
C TYR A 182 22.79 -9.44 14.69
N SER A 183 23.69 -8.49 15.02
CA SER A 183 24.77 -8.79 15.94
C SER A 183 24.26 -9.05 17.37
N GLU A 184 25.08 -9.75 18.16
CA GLU A 184 24.74 -9.91 19.57
C GLU A 184 24.58 -8.55 20.22
N ALA A 185 25.36 -7.58 19.75
CA ALA A 185 25.27 -6.20 20.21
C ALA A 185 23.95 -5.54 19.81
N ASP A 186 23.60 -5.60 18.52
CA ASP A 186 22.34 -5.02 18.09
C ASP A 186 21.15 -5.78 18.65
N GLY A 187 21.30 -7.09 18.88
CA GLY A 187 20.22 -7.85 19.49
C GLY A 187 20.00 -7.42 20.93
N GLU A 188 21.09 -7.22 21.66
CA GLU A 188 21.03 -6.63 22.98
C GLU A 188 20.33 -5.26 22.96
N THR A 189 20.68 -4.40 22.00
CA THR A 189 20.06 -3.08 21.90
C THR A 189 18.56 -3.15 21.60
N MET A 190 18.10 -4.19 20.88
CA MET A 190 16.68 -4.23 20.56
C MET A 190 15.88 -4.82 21.71
N ARG A 191 16.42 -5.85 22.36
CA ARG A 191 15.74 -6.42 23.53
C ARG A 191 15.57 -5.36 24.62
N ALA A 192 16.56 -4.47 24.75
CA ALA A 192 16.51 -3.42 25.76
C ALA A 192 15.50 -2.34 25.37
N ALA A 193 15.42 -2.02 24.09
CA ALA A 193 14.46 -1.00 23.66
C ALA A 193 13.04 -1.49 23.87
N LEU A 194 12.77 -2.74 23.52
CA LEU A 194 11.41 -3.25 23.57
C LEU A 194 10.95 -3.44 25.00
N ALA A 195 11.86 -3.71 25.92
CA ALA A 195 11.51 -3.83 27.33
C ALA A 195 11.49 -2.48 28.09
N SER A 196 11.88 -1.39 27.44
CA SER A 196 11.90 -0.07 28.05
C SER A 196 10.58 0.66 27.88
N GLU A 197 10.42 1.73 28.65
CA GLU A 197 9.22 2.56 28.62
C GLU A 197 8.97 3.16 27.23
N ARG A 198 10.05 3.42 26.48
CA ARG A 198 9.88 3.99 25.16
C ARG A 198 8.88 3.18 24.35
N PHE A 199 8.97 1.85 24.46
CA PHE A 199 8.18 0.93 23.66
C PHE A 199 7.17 0.15 24.48
N ALA A 200 6.64 0.77 25.54
CA ALA A 200 5.63 0.12 26.37
C ALA A 200 4.29 0.00 25.63
N ARG A 201 3.92 1.04 24.90
CA ARG A 201 2.65 1.04 24.18
C ARG A 201 2.57 -0.06 23.11
N ILE A 202 3.61 -0.17 22.29
CA ILE A 202 3.64 -1.17 21.22
C ILE A 202 3.68 -2.58 21.84
N SER A 203 4.38 -2.72 22.96
CA SER A 203 4.44 -4.03 23.63
C SER A 203 3.06 -4.47 24.13
N GLN A 204 2.26 -3.54 24.63
CA GLN A 204 0.91 -3.89 25.07
C GLN A 204 0.02 -4.21 23.87
N TYR A 205 0.11 -3.41 22.82
CA TYR A 205 -0.53 -3.73 21.54
C TYR A 205 -0.33 -5.19 21.16
N VAL A 206 0.89 -5.68 21.20
CA VAL A 206 1.13 -7.03 20.75
C VAL A 206 0.47 -8.01 21.69
N ARG A 207 0.54 -7.69 22.99
CA ARG A 207 -0.11 -8.51 23.99
C ARG A 207 -1.61 -8.60 23.74
N ASP A 208 -2.24 -7.45 23.43
CA ASP A 208 -3.67 -7.44 23.14
C ASP A 208 -3.96 -8.14 21.82
N ILE A 209 -3.07 -8.01 20.85
CA ILE A 209 -3.18 -8.78 19.61
C ILE A 209 -3.15 -10.28 19.92
N ARG A 210 -2.15 -10.72 20.70
CA ARG A 210 -1.95 -12.14 20.94
C ARG A 210 -3.07 -12.78 21.73
N ALA A 211 -3.91 -11.98 22.37
CA ALA A 211 -5.06 -12.45 23.10
C ALA A 211 -6.29 -12.55 22.24
N ARG A 212 -6.25 -11.97 21.05
CA ARG A 212 -7.36 -11.99 20.12
C ARG A 212 -7.58 -13.41 19.56
N ALA A 213 -8.83 -13.85 19.55
CA ALA A 213 -9.13 -15.24 19.22
C ALA A 213 -8.66 -15.58 17.81
N SER A 214 -8.96 -14.71 16.85
CA SER A 214 -8.52 -14.89 15.46
C SER A 214 -7.00 -14.99 15.37
N PHE A 215 -6.28 -14.22 16.17
CA PHE A 215 -4.84 -14.40 16.16
C PHE A 215 -4.47 -15.75 16.76
N VAL A 216 -5.08 -16.11 17.90
CA VAL A 216 -4.73 -17.37 18.55
C VAL A 216 -4.89 -18.53 17.56
N LYS A 217 -6.02 -18.56 16.86
CA LYS A 217 -6.35 -19.63 15.94
C LYS A 217 -5.38 -19.70 14.75
N SER A 218 -4.95 -18.56 14.25
CA SER A 218 -4.15 -18.58 13.02
C SER A 218 -2.66 -18.59 13.31
N TRP A 219 -2.29 -18.29 14.55
CA TRP A 219 -0.96 -18.53 15.08
C TRP A 219 -0.88 -19.99 15.48
N GLY A 220 0.25 -20.62 15.19
CA GLY A 220 0.30 -22.01 15.56
C GLY A 220 0.30 -22.24 17.06
N GLY A 221 0.57 -21.21 17.82
CA GLY A 221 1.18 -21.39 19.11
C GLY A 221 2.63 -21.02 19.03
N ASP A 222 3.17 -20.53 20.15
CA ASP A 222 4.56 -20.10 20.11
C ASP A 222 5.47 -21.28 19.86
N ASP A 223 5.14 -22.43 20.44
CA ASP A 223 5.91 -23.66 20.22
C ASP A 223 6.12 -23.88 18.74
N VAL A 224 5.01 -24.00 18.01
CA VAL A 224 5.07 -24.34 16.59
C VAL A 224 5.82 -23.27 15.82
N GLN A 225 5.48 -22.00 16.03
CA GLN A 225 6.15 -20.93 15.30
C GLN A 225 7.64 -20.94 15.57
N LEU A 226 8.02 -21.34 16.78
CA LEU A 226 9.44 -21.39 17.12
C LEU A 226 10.15 -22.53 16.42
N GLU A 227 9.57 -23.74 16.48
CA GLU A 227 10.13 -24.87 15.75
C GLU A 227 10.29 -24.51 14.28
N ALA A 228 9.23 -23.97 13.67
CA ALA A 228 9.31 -23.41 12.33
C ALA A 228 10.44 -22.38 12.20
N ALA A 229 10.46 -21.40 13.11
CA ALA A 229 11.45 -20.33 13.02
C ALA A 229 12.88 -20.87 12.96
N LYS A 230 13.17 -21.87 13.79
CA LYS A 230 14.53 -22.37 13.90
C LYS A 230 14.95 -23.23 12.74
N ALA A 231 14.11 -23.35 11.71
CA ALA A 231 14.50 -23.98 10.46
C ALA A 231 14.68 -22.96 9.33
N ILE A 232 14.75 -21.67 9.66
CA ILE A 232 14.88 -20.62 8.66
C ILE A 232 16.31 -20.13 8.64
N PRO A 233 16.99 -20.15 7.49
CA PRO A 233 18.40 -19.72 7.47
C PRO A 233 18.57 -18.28 7.87
N MET A 234 17.76 -17.40 7.30
CA MET A 234 17.99 -15.98 7.50
C MET A 234 17.82 -15.58 8.95
N LEU A 235 17.43 -16.49 9.82
CA LEU A 235 17.33 -16.19 11.24
C LEU A 235 18.61 -16.53 12.02
N ARG A 236 19.73 -16.80 11.34
CA ARG A 236 21.00 -17.13 12.02
C ARG A 236 22.11 -16.06 11.89
N CYS B 3 -22.40 14.52 -0.49
CA CYS B 3 -21.60 15.04 0.62
C CYS B 3 -21.71 16.55 0.86
N THR B 4 -22.05 16.94 2.10
CA THR B 4 -22.15 18.34 2.53
C THR B 4 -20.90 18.87 3.22
N GLU B 5 -20.07 18.00 3.79
CA GLU B 5 -18.90 18.46 4.51
C GLU B 5 -17.93 19.15 3.57
N GLN B 6 -17.30 20.22 4.07
CA GLN B 6 -16.24 20.86 3.31
C GLN B 6 -15.09 19.88 3.14
N ILE B 7 -14.50 19.87 1.94
CA ILE B 7 -13.30 19.11 1.65
C ILE B 7 -12.22 20.06 1.15
N THR B 8 -11.03 20.01 1.77
CA THR B 8 -9.86 20.76 1.32
C THR B 8 -8.67 19.82 1.17
N LEU B 9 -7.99 19.88 0.02
CA LEU B 9 -6.84 19.02 -0.25
C LEU B 9 -5.59 19.88 -0.25
N TYR B 10 -4.65 19.55 0.62
CA TYR B 10 -3.38 20.24 0.70
C TYR B 10 -2.34 19.38 -0.02
N THR B 11 -1.51 20.02 -0.83
CA THR B 11 -0.44 19.34 -1.54
C THR B 11 0.67 20.32 -1.87
N THR B 12 1.92 19.87 -1.83
CA THR B 12 2.94 20.62 -2.52
C THR B 12 2.60 20.61 -4.00
N THR B 13 2.96 21.67 -4.71
CA THR B 13 2.58 21.75 -6.12
C THR B 13 3.33 20.71 -6.92
N PHE B 14 2.64 20.12 -7.90
CA PHE B 14 3.22 19.12 -8.78
C PHE B 14 3.55 17.80 -8.08
N SER B 15 3.25 17.66 -6.78
CA SER B 15 3.41 16.36 -6.11
C SER B 15 2.59 15.28 -6.82
N PRO B 16 3.19 14.17 -7.23
CA PRO B 16 2.38 13.06 -7.75
C PRO B 16 1.51 12.43 -6.70
N TYR B 17 1.92 12.51 -5.42
CA TYR B 17 1.12 11.95 -4.34
C TYR B 17 -0.17 12.75 -4.19
N GLY B 18 -0.07 14.07 -4.17
CA GLY B 18 -1.27 14.87 -4.07
C GLY B 18 -2.13 14.75 -5.30
N HIS B 19 -1.50 14.57 -6.45
CA HIS B 19 -2.23 14.45 -7.70
C HIS B 19 -3.16 13.25 -7.68
N ARG B 20 -2.72 12.16 -7.03
CA ARG B 20 -3.59 11.01 -6.78
C ARG B 20 -4.94 11.45 -6.25
N ALA B 21 -4.92 12.23 -5.16
CA ALA B 21 -6.16 12.60 -4.52
C ALA B 21 -6.92 13.65 -5.32
N HIS B 22 -6.20 14.47 -6.08
CA HIS B 22 -6.82 15.44 -6.99
C HIS B 22 -7.65 14.73 -8.05
N ILE B 23 -7.02 13.76 -8.73
CA ILE B 23 -7.74 12.93 -9.68
C ILE B 23 -9.01 12.40 -9.07
N ALA B 24 -8.91 11.90 -7.85
CA ALA B 24 -10.05 11.19 -7.28
C ALA B 24 -11.18 12.15 -6.93
N LEU B 25 -10.84 13.32 -6.40
CA LEU B 25 -11.84 14.35 -6.12
C LEU B 25 -12.53 14.84 -7.39
N GLU B 26 -11.79 14.94 -8.50
CA GLU B 26 -12.40 15.28 -9.78
C GLU B 26 -13.25 14.14 -10.33
N GLU B 27 -12.79 12.89 -10.19
CA GLU B 27 -13.64 11.78 -10.59
C GLU B 27 -14.92 11.75 -9.76
N ALA B 28 -14.83 12.07 -8.48
CA ALA B 28 -15.98 11.92 -7.60
C ALA B 28 -17.04 12.98 -7.87
N GLY B 29 -16.67 14.05 -8.55
CA GLY B 29 -17.55 15.18 -8.71
C GLY B 29 -17.66 16.03 -7.48
N ALA B 30 -16.67 15.96 -6.60
CA ALA B 30 -16.77 16.54 -5.28
C ALA B 30 -16.65 18.05 -5.35
N GLU B 31 -17.24 18.72 -4.35
CA GLU B 31 -17.02 20.13 -4.12
C GLU B 31 -15.85 20.25 -3.15
N TYR B 32 -14.70 20.72 -3.63
CA TYR B 32 -13.47 20.69 -2.85
C TYR B 32 -12.63 21.93 -3.11
N THR B 33 -11.87 22.33 -2.10
CA THR B 33 -10.93 23.42 -2.24
C THR B 33 -9.51 22.85 -2.33
N LEU B 34 -8.72 23.39 -3.27
CA LEU B 34 -7.37 22.92 -3.57
C LEU B 34 -6.36 23.95 -3.11
N CYS B 35 -5.50 23.56 -2.18
CA CYS B 35 -4.48 24.46 -1.65
C CYS B 35 -3.11 23.93 -2.03
N GLN B 36 -2.42 24.65 -2.90
CA GLN B 36 -1.10 24.24 -3.35
C GLN B 36 -0.03 24.98 -2.56
N ILE B 37 0.90 24.22 -1.99
CA ILE B 37 2.05 24.75 -1.28
C ILE B 37 3.28 24.61 -2.18
N ASN B 38 4.18 25.59 -2.12
CA ASN B 38 5.35 25.56 -2.98
C ASN B 38 6.37 24.55 -2.44
N VAL B 39 6.78 23.60 -3.29
CA VAL B 39 7.79 22.61 -2.89
C VAL B 39 9.02 23.31 -2.33
N HIS B 40 9.52 24.30 -3.06
CA HIS B 40 10.84 24.86 -2.80
C HIS B 40 10.86 25.98 -1.75
N ARG B 41 9.70 26.35 -1.17
CA ARG B 41 9.68 27.14 0.06
C ARG B 41 9.59 26.20 1.27
N ASP B 42 9.60 26.79 2.46
CA ASP B 42 9.79 26.01 3.68
C ASP B 42 8.51 25.29 4.14
N LYS B 43 7.34 25.82 3.83
CA LYS B 43 6.02 25.40 4.30
C LYS B 43 5.56 26.36 5.38
N PRO B 44 4.42 27.01 5.22
CA PRO B 44 4.04 28.06 6.16
C PRO B 44 3.87 27.50 7.56
N GLU B 45 4.12 28.35 8.56
CA GLU B 45 3.95 27.93 9.93
C GLU B 45 2.55 27.42 10.18
N TRP B 46 1.56 27.96 9.46
CA TRP B 46 0.17 27.58 9.68
C TRP B 46 -0.10 26.13 9.28
N TYR B 47 0.76 25.52 8.47
CA TYR B 47 0.51 24.16 8.02
C TYR B 47 0.60 23.18 9.17
N LYS B 48 1.36 23.52 10.21
CA LYS B 48 1.41 22.65 11.40
C LYS B 48 0.03 22.35 11.95
N ARG B 49 -0.93 23.25 11.73
CA ARG B 49 -2.29 23.03 12.18
C ARG B 49 -3.06 22.04 11.32
N VAL B 50 -2.53 21.70 10.14
CA VAL B 50 -3.05 20.63 9.30
C VAL B 50 -2.32 19.32 9.58
N ASN B 51 -1.01 19.40 9.81
CA ASN B 51 -0.21 18.24 10.17
C ASN B 51 1.07 18.69 10.87
N PRO B 52 1.26 18.31 12.13
CA PRO B 52 2.42 18.82 12.88
C PRO B 52 3.75 18.40 12.31
N LEU B 53 3.84 17.27 11.63
CA LEU B 53 5.11 16.82 11.05
C LEU B 53 5.32 17.35 9.64
N GLY B 54 4.44 18.23 9.18
CA GLY B 54 4.50 18.73 7.83
C GLY B 54 4.18 17.75 6.74
N LYS B 55 3.36 16.72 7.00
CA LYS B 55 3.10 15.71 5.98
C LYS B 55 2.20 16.25 4.88
N VAL B 56 2.59 16.00 3.63
CA VAL B 56 1.69 16.19 2.49
C VAL B 56 1.69 14.95 1.60
N PRO B 57 0.58 14.70 0.91
CA PRO B 57 -0.64 15.50 0.89
C PRO B 57 -1.54 15.23 2.08
N ALA B 58 -2.57 16.05 2.24
CA ALA B 58 -3.45 15.95 3.40
C ALA B 58 -4.82 16.50 3.05
N ILE B 59 -5.84 15.95 3.68
CA ILE B 59 -7.19 16.42 3.52
C ILE B 59 -7.72 16.86 4.87
N THR B 60 -8.45 17.97 4.88
CA THR B 60 -9.29 18.32 6.01
C THR B 60 -10.72 18.09 5.58
N PHE B 61 -11.53 17.55 6.48
CA PHE B 61 -12.90 17.15 6.18
C PHE B 61 -13.82 17.76 7.21
N GLY B 62 -14.87 18.41 6.72
CA GLY B 62 -15.82 18.99 7.66
C GLY B 62 -15.25 20.21 8.37
N GLY B 63 -15.94 20.57 9.45
CA GLY B 63 -15.70 21.83 10.12
C GLY B 63 -16.33 22.98 9.35
N PRO B 64 -16.13 24.20 9.84
CA PRO B 64 -16.66 25.38 9.15
C PRO B 64 -15.86 25.74 7.91
N GLN B 65 -16.54 26.48 7.01
CA GLN B 65 -15.94 26.96 5.76
C GLN B 65 -14.91 28.04 6.03
N VAL B 66 -13.67 27.78 5.64
CA VAL B 66 -12.55 28.60 6.05
C VAL B 66 -11.51 28.65 4.93
N PRO B 67 -10.88 29.77 4.67
CA PRO B 67 -9.73 29.77 3.76
C PRO B 67 -8.76 28.67 4.17
N PRO B 68 -8.02 28.10 3.22
CA PRO B 68 -7.16 26.96 3.56
C PRO B 68 -6.02 27.30 4.46
N ASP B 69 -5.56 28.55 4.46
CA ASP B 69 -4.51 28.96 5.36
C ASP B 69 -5.06 29.32 6.74
N GLU B 70 -6.34 29.06 6.98
CA GLU B 70 -6.93 29.22 8.31
C GLU B 70 -7.65 27.93 8.70
N PRO B 71 -6.91 26.82 8.77
CA PRO B 71 -7.55 25.55 9.14
C PRO B 71 -8.23 25.65 10.50
N SER B 72 -9.48 25.13 10.56
CA SER B 72 -10.27 25.00 11.78
C SER B 72 -9.86 23.74 12.52
N PRO B 73 -9.70 23.81 13.85
CA PRO B 73 -9.44 22.57 14.60
C PRO B 73 -10.59 21.59 14.55
N GLU B 74 -11.80 22.03 14.17
CA GLU B 74 -12.97 21.16 14.13
C GLU B 74 -13.00 20.22 12.92
N SER B 75 -12.10 20.42 11.94
CA SER B 75 -12.04 19.58 10.77
C SER B 75 -11.22 18.32 11.09
N GLU B 76 -11.60 17.21 10.47
CA GLU B 76 -10.81 15.99 10.57
C GLU B 76 -9.71 16.04 9.54
N LYS B 77 -8.52 15.60 9.92
CA LYS B 77 -7.34 15.74 9.08
C LYS B 77 -6.77 14.35 8.76
N LEU B 78 -6.57 14.09 7.47
CA LEU B 78 -6.18 12.77 6.97
C LEU B 78 -4.98 12.89 6.05
N VAL B 79 -4.07 11.92 6.16
CA VAL B 79 -2.87 11.86 5.34
C VAL B 79 -2.74 10.45 4.76
N GLU B 80 -1.71 10.28 3.92
CA GLU B 80 -1.37 9.01 3.29
C GLU B 80 -2.20 8.82 2.03
N SER B 81 -1.53 8.96 0.88
CA SER B 81 -2.24 9.15 -0.38
C SER B 81 -3.12 7.95 -0.75
N LEU B 82 -2.64 6.74 -0.55
CA LEU B 82 -3.51 5.62 -0.90
C LEU B 82 -4.73 5.56 0.02
N ALA B 83 -4.58 5.99 1.27
CA ALA B 83 -5.73 6.07 2.15
C ALA B 83 -6.67 7.18 1.74
N LEU B 84 -6.12 8.29 1.24
CA LEU B 84 -6.97 9.39 0.76
C LEU B 84 -7.81 8.97 -0.44
N LEU B 85 -7.26 8.13 -1.32
CA LEU B 85 -8.04 7.60 -2.44
C LEU B 85 -9.26 6.81 -1.95
N GLU B 86 -9.06 5.91 -0.99
CA GLU B 86 -10.17 5.09 -0.50
C GLU B 86 -11.15 5.91 0.29
N PHE B 87 -10.68 7.00 0.87
CA PHE B 87 -11.57 7.91 1.57
C PHE B 87 -12.55 8.56 0.60
N VAL B 88 -12.04 9.09 -0.52
CA VAL B 88 -12.94 9.76 -1.46
C VAL B 88 -13.98 8.77 -1.95
N ALA B 89 -13.55 7.54 -2.25
CA ALA B 89 -14.50 6.53 -2.71
C ALA B 89 -15.55 6.25 -1.66
N ASP B 90 -15.14 6.18 -0.39
CA ASP B 90 -16.06 5.93 0.73
C ASP B 90 -17.05 7.07 0.92
N VAL B 91 -16.59 8.31 0.77
CA VAL B 91 -17.45 9.48 0.93
C VAL B 91 -18.44 9.58 -0.23
N PHE B 92 -18.02 9.23 -1.44
CA PHE B 92 -18.86 9.38 -2.63
C PHE B 92 -19.17 8.03 -3.29
N PRO B 93 -19.84 7.11 -2.61
CA PRO B 93 -20.03 5.77 -3.21
C PRO B 93 -20.76 5.82 -4.55
N GLU B 94 -21.61 6.83 -4.76
CA GLU B 94 -22.33 6.95 -6.04
C GLU B 94 -21.39 7.22 -7.22
N ALA B 95 -20.16 7.66 -6.98
CA ALA B 95 -19.22 7.90 -8.08
C ALA B 95 -18.61 6.61 -8.60
N LYS B 96 -18.69 5.53 -7.85
CA LYS B 96 -18.11 4.25 -8.27
C LYS B 96 -16.64 4.45 -8.68
N LEU B 97 -15.87 5.04 -7.76
CA LEU B 97 -14.42 5.16 -7.96
C LEU B 97 -13.76 3.82 -7.92
N LEU B 98 -14.42 2.86 -7.30
CA LEU B 98 -14.08 1.46 -7.36
C LEU B 98 -15.26 0.75 -7.94
N PRO B 99 -15.05 -0.36 -8.65
CA PRO B 99 -16.19 -1.08 -9.24
C PRO B 99 -17.03 -1.70 -8.14
N ALA B 100 -18.13 -2.35 -8.53
CA ALA B 100 -19.18 -2.78 -7.61
C ALA B 100 -18.83 -4.08 -6.87
N SER B 101 -18.25 -5.09 -7.59
CA SER B 101 -18.10 -6.40 -6.98
C SER B 101 -16.80 -6.50 -6.18
N PRO B 102 -16.82 -7.28 -5.11
CA PRO B 102 -15.58 -7.48 -4.34
C PRO B 102 -14.40 -7.96 -5.17
N VAL B 103 -14.62 -8.89 -6.11
CA VAL B 103 -13.50 -9.41 -6.89
C VAL B 103 -12.82 -8.31 -7.70
N GLN B 104 -13.62 -7.43 -8.32
CA GLN B 104 -13.04 -6.41 -9.20
C GLN B 104 -12.35 -5.36 -8.39
N ARG B 105 -12.97 -5.01 -7.26
CA ARG B 105 -12.31 -4.19 -6.24
C ARG B 105 -10.97 -4.80 -5.84
N ALA B 106 -10.97 -6.10 -5.53
CA ALA B 106 -9.70 -6.74 -5.15
C ALA B 106 -8.65 -6.62 -6.26
N ARG B 107 -9.06 -6.72 -7.54
CA ARG B 107 -8.07 -6.67 -8.62
C ARG B 107 -7.57 -5.27 -8.83
N ALA B 108 -8.43 -4.28 -8.63
CA ALA B 108 -7.96 -2.91 -8.67
C ALA B 108 -6.95 -2.65 -7.56
N ARG B 109 -7.23 -3.12 -6.35
CA ARG B 109 -6.27 -2.92 -5.26
C ARG B 109 -4.98 -3.70 -5.52
N ALA B 110 -5.09 -4.89 -6.10
CA ALA B 110 -3.89 -5.65 -6.42
C ALA B 110 -3.03 -4.93 -7.43
N PHE B 111 -3.66 -4.27 -8.41
CA PHE B 111 -2.91 -3.54 -9.40
C PHE B 111 -2.16 -2.39 -8.76
N ILE B 112 -2.74 -1.77 -7.75
CA ILE B 112 -2.02 -0.77 -7.00
C ILE B 112 -0.82 -1.41 -6.30
N ALA B 113 -1.01 -2.61 -5.72
CA ALA B 113 0.09 -3.26 -5.03
C ALA B 113 1.24 -3.54 -5.98
N ILE B 114 0.94 -4.02 -7.18
CA ILE B 114 2.01 -4.31 -8.13
C ILE B 114 2.78 -3.05 -8.44
N TYR B 115 2.07 -1.93 -8.62
CA TYR B 115 2.75 -0.65 -8.83
C TYR B 115 3.71 -0.39 -7.66
N GLN B 116 3.22 -0.52 -6.42
CA GLN B 116 4.02 -0.21 -5.23
C GLN B 116 5.11 -1.24 -5.00
N ASN B 117 4.83 -2.53 -5.21
CA ASN B 117 5.82 -3.53 -4.85
C ASN B 117 7.01 -3.52 -5.81
N TYR B 118 6.80 -3.07 -7.05
CA TYR B 118 7.80 -3.23 -8.11
C TYR B 118 8.18 -1.91 -8.76
N LEU B 119 7.24 -1.22 -9.41
CA LEU B 119 7.66 -0.13 -10.28
C LEU B 119 8.03 1.13 -9.49
N HIS B 120 7.28 1.43 -8.44
CA HIS B 120 7.48 2.67 -7.70
C HIS B 120 8.96 2.87 -7.36
N ASP B 121 9.61 1.84 -6.82
CA ASP B 121 10.99 1.98 -6.38
C ASP B 121 11.99 1.93 -7.54
N GLN B 122 11.62 1.37 -8.69
CA GLN B 122 12.52 1.44 -9.83
C GLN B 122 12.47 2.77 -10.54
N PHE B 123 11.31 3.43 -10.53
CA PHE B 123 11.24 4.83 -10.97
C PHE B 123 12.25 5.69 -10.18
N ARG B 124 12.27 5.54 -8.86
CA ARG B 124 13.21 6.30 -8.03
C ARG B 124 14.65 5.87 -8.29
N ASP B 125 14.91 4.57 -8.35
CA ASP B 125 16.26 4.08 -8.55
C ASP B 125 16.80 4.50 -9.90
N ALA B 126 16.02 4.34 -10.96
CA ALA B 126 16.53 4.61 -12.29
C ALA B 126 16.65 6.10 -12.60
N PHE B 127 15.64 6.90 -12.25
CA PHE B 127 15.56 8.31 -12.65
C PHE B 127 16.18 9.26 -11.63
N PHE B 128 16.03 8.99 -10.34
CA PHE B 128 16.57 9.85 -9.29
C PHE B 128 17.89 9.36 -8.71
N ARG B 129 18.23 8.09 -8.89
CA ARG B 129 19.48 7.57 -8.35
C ARG B 129 20.44 7.07 -9.41
N GLY B 130 20.01 6.94 -10.66
CA GLY B 130 20.92 6.58 -11.73
C GLY B 130 21.35 5.13 -11.74
N GLU B 131 20.55 4.24 -11.14
CA GLU B 131 20.88 2.83 -11.11
C GLU B 131 20.63 2.24 -12.50
N PRO B 132 21.29 1.13 -12.82
CA PRO B 132 20.96 0.43 -14.08
C PRO B 132 19.45 0.27 -14.22
N VAL B 133 18.98 0.36 -15.46
CA VAL B 133 17.56 0.53 -15.71
C VAL B 133 16.85 -0.77 -16.07
N GLY B 134 17.56 -1.89 -16.16
CA GLY B 134 16.93 -3.15 -16.48
C GLY B 134 15.79 -3.51 -15.54
N PRO B 135 16.01 -3.40 -14.23
CA PRO B 135 14.89 -3.63 -13.30
C PRO B 135 13.71 -2.71 -13.58
N PHE B 136 13.95 -1.44 -13.94
CA PHE B 136 12.85 -0.52 -14.21
C PHE B 136 12.01 -0.99 -15.39
N LEU B 137 12.66 -1.39 -16.48
CA LEU B 137 11.91 -1.96 -17.60
C LEU B 137 11.13 -3.21 -17.19
N GLN B 138 11.75 -4.10 -16.43
CA GLN B 138 11.10 -5.36 -16.07
C GLN B 138 9.86 -5.13 -15.22
N ALA B 139 9.95 -4.18 -14.29
CA ALA B 139 8.81 -3.81 -13.46
C ALA B 139 7.70 -3.17 -14.28
N LEU B 140 8.05 -2.30 -15.23
CA LEU B 140 7.04 -1.80 -16.17
C LEU B 140 6.37 -2.96 -16.90
N GLU B 141 7.15 -3.94 -17.35
CA GLU B 141 6.53 -5.08 -17.98
C GLU B 141 5.59 -5.78 -16.99
N THR B 142 6.05 -6.00 -15.76
CA THR B 142 5.24 -6.69 -14.77
C THR B 142 3.90 -5.98 -14.58
N LEU B 143 3.95 -4.66 -14.40
CA LEU B 143 2.71 -3.89 -14.34
C LEU B 143 1.91 -4.03 -15.61
N GLN B 144 2.60 -3.99 -16.76
CA GLN B 144 1.89 -4.06 -18.04
C GLN B 144 1.11 -5.36 -18.16
N SER B 145 1.70 -6.47 -17.70
CA SER B 145 1.05 -7.76 -17.89
C SER B 145 -0.19 -7.93 -17.02
N ALA B 146 -0.38 -7.07 -16.03
CA ALA B 146 -1.60 -7.11 -15.23
C ALA B 146 -2.77 -6.38 -15.87
N LEU B 147 -2.55 -5.71 -16.99
CA LEU B 147 -3.67 -5.02 -17.62
C LEU B 147 -4.47 -5.98 -18.48
N PRO B 148 -5.76 -5.73 -18.61
CA PRO B 148 -6.55 -6.46 -19.57
C PRO B 148 -6.20 -6.02 -20.97
N PRO B 149 -6.69 -6.72 -21.99
CA PRO B 149 -6.29 -6.37 -23.38
C PRO B 149 -6.52 -4.92 -23.73
N ALA B 150 -7.55 -4.27 -23.24
CA ALA B 150 -7.70 -2.85 -23.46
C ALA B 150 -8.46 -2.24 -22.28
N GLY B 151 -8.61 -0.91 -22.33
CA GLY B 151 -9.23 -0.20 -21.22
C GLY B 151 -8.29 -0.05 -20.03
N PHE B 152 -8.86 0.06 -18.85
CA PHE B 152 -8.08 0.36 -17.67
C PHE B 152 -7.85 -0.92 -16.85
N ALA B 153 -7.20 -0.78 -15.70
CA ALA B 153 -6.71 -1.97 -14.98
C ALA B 153 -7.82 -2.99 -14.76
N VAL B 154 -9.04 -2.52 -14.46
CA VAL B 154 -10.20 -3.40 -14.30
C VAL B 154 -11.29 -3.00 -15.27
N GLY B 155 -10.92 -2.71 -16.53
CA GLY B 155 -11.87 -2.31 -17.55
C GLY B 155 -12.18 -0.83 -17.45
N GLU B 156 -13.16 -0.52 -16.61
CA GLU B 156 -13.49 0.85 -16.26
C GLU B 156 -12.42 1.52 -15.39
N TRP B 157 -12.37 2.84 -15.48
CA TRP B 157 -11.47 3.65 -14.65
CA TRP B 157 -11.45 3.62 -14.66
C TRP B 157 -11.77 3.38 -13.18
N SER B 158 -10.72 3.33 -12.37
CA SER B 158 -10.91 3.10 -10.94
C SER B 158 -9.78 3.78 -10.19
N LEU B 159 -9.79 3.62 -8.86
CA LEU B 159 -8.70 4.16 -8.06
C LEU B 159 -7.33 3.64 -8.51
N ALA B 160 -7.27 2.50 -9.18
CA ALA B 160 -6.01 2.02 -9.70
C ALA B 160 -5.31 3.10 -10.51
N GLU B 161 -6.06 3.76 -11.39
CA GLU B 161 -5.52 4.83 -12.24
C GLU B 161 -5.21 6.08 -11.42
N ALA B 162 -6.08 6.43 -10.47
CA ALA B 162 -5.75 7.52 -9.55
C ALA B 162 -4.40 7.27 -8.87
N ALA B 163 -4.13 6.02 -8.48
CA ALA B 163 -2.89 5.72 -7.79
C ALA B 163 -1.70 5.75 -8.75
N VAL B 164 -1.83 5.11 -9.90
CA VAL B 164 -0.64 4.98 -10.73
C VAL B 164 -0.47 6.10 -11.77
N ALA B 165 -1.54 6.75 -12.24
CA ALA B 165 -1.39 7.76 -13.29
C ALA B 165 -0.39 8.86 -12.98
N PRO B 166 -0.44 9.53 -11.82
CA PRO B 166 0.55 10.58 -11.59
C PRO B 166 1.97 10.11 -11.82
N PHE B 167 2.29 8.87 -11.46
CA PHE B 167 3.66 8.41 -11.54
C PHE B 167 4.03 7.94 -12.95
N LEU B 168 3.17 7.13 -13.58
CA LEU B 168 3.44 6.69 -14.94
C LEU B 168 3.56 7.88 -15.88
N ALA B 169 2.73 8.89 -15.70
CA ALA B 169 2.78 10.01 -16.62
C ALA B 169 4.07 10.83 -16.45
N ARG B 170 4.51 11.02 -15.21
CA ARG B 170 5.74 11.78 -15.04
C ARG B 170 6.93 11.02 -15.59
N MET B 171 7.00 9.71 -15.34
CA MET B 171 8.18 8.99 -15.78
C MET B 171 8.24 8.95 -17.30
N MET B 172 7.10 8.84 -17.97
CA MET B 172 7.14 8.89 -19.43
C MET B 172 7.41 10.29 -19.94
N LEU B 173 6.91 11.31 -19.25
CA LEU B 173 7.29 12.67 -19.58
C LEU B 173 8.79 12.87 -19.41
N TYR B 174 9.33 12.46 -18.28
CA TYR B 174 10.75 12.65 -18.01
C TYR B 174 11.60 11.93 -19.04
N LEU B 175 11.14 10.77 -19.48
CA LEU B 175 11.92 9.92 -20.36
C LEU B 175 12.08 10.55 -21.74
N ASP B 176 10.95 10.94 -22.36
CA ASP B 176 10.99 11.51 -23.69
C ASP B 176 11.84 12.79 -23.73
N ALA B 177 11.84 13.53 -22.63
CA ALA B 177 12.58 14.78 -22.55
C ALA B 177 13.99 14.60 -22.03
N GLY B 178 14.39 13.35 -21.73
CA GLY B 178 15.72 13.03 -21.24
C GLY B 178 16.07 13.53 -19.86
N LEU B 179 15.09 13.81 -19.00
CA LEU B 179 15.38 14.09 -17.59
C LEU B 179 15.66 12.80 -16.81
N GLY B 180 16.70 12.82 -16.00
CA GLY B 180 16.96 11.77 -15.04
C GLY B 180 18.45 11.58 -14.85
N LYS B 181 18.80 10.88 -13.77
CA LYS B 181 20.18 10.57 -13.39
C LYS B 181 20.74 9.32 -14.07
N TYR B 182 19.97 8.68 -14.95
CA TYR B 182 20.46 7.51 -15.65
C TYR B 182 21.45 7.92 -16.74
N SER B 183 22.27 6.97 -17.18
CA SER B 183 23.23 7.25 -18.24
C SER B 183 22.52 7.51 -19.57
N GLU B 184 23.21 8.21 -20.47
CA GLU B 184 22.63 8.51 -21.78
C GLU B 184 22.43 7.25 -22.61
N ALA B 185 23.27 6.23 -22.42
CA ALA B 185 23.05 4.95 -23.08
C ALA B 185 21.77 4.30 -22.58
N ASP B 186 21.62 4.22 -21.25
CA ASP B 186 20.41 3.65 -20.66
C ASP B 186 19.17 4.45 -21.05
N GLY B 187 19.31 5.75 -21.27
CA GLY B 187 18.20 6.54 -21.78
C GLY B 187 17.76 6.16 -23.19
N GLU B 188 18.72 5.94 -24.09
CA GLU B 188 18.34 5.47 -25.43
C GLU B 188 17.79 4.06 -25.35
N THR B 189 18.33 3.24 -24.44
CA THR B 189 17.79 1.92 -24.19
C THR B 189 16.32 2.01 -23.76
N MET B 190 16.02 2.87 -22.80
CA MET B 190 14.66 3.01 -22.30
C MET B 190 13.74 3.58 -23.38
N ARG B 191 14.15 4.68 -24.03
CA ARG B 191 13.29 5.29 -25.05
C ARG B 191 12.98 4.30 -26.18
N ALA B 192 14.01 3.60 -26.66
CA ALA B 192 13.81 2.55 -27.66
C ALA B 192 12.84 1.49 -27.15
N ALA B 193 13.06 1.00 -25.93
CA ALA B 193 12.16 -0.03 -25.39
C ALA B 193 10.73 0.49 -25.30
N LEU B 194 10.54 1.72 -24.84
CA LEU B 194 9.17 2.24 -24.71
C LEU B 194 8.44 2.38 -26.05
N ALA B 195 9.14 2.72 -27.13
CA ALA B 195 8.47 2.74 -28.43
C ALA B 195 8.47 1.37 -29.10
N SER B 196 9.01 0.34 -28.47
CA SER B 196 8.99 -0.99 -29.05
C SER B 196 7.63 -1.64 -28.82
N GLU B 197 7.45 -2.77 -29.50
CA GLU B 197 6.21 -3.54 -29.40
C GLU B 197 6.10 -4.23 -28.05
N ARG B 198 7.25 -4.52 -27.42
CA ARG B 198 7.22 -5.07 -26.07
C ARG B 198 6.37 -4.22 -25.13
N PHE B 199 6.39 -2.90 -25.29
CA PHE B 199 5.67 -1.99 -24.39
C PHE B 199 4.52 -1.26 -25.06
N ALA B 200 4.01 -1.78 -26.17
CA ALA B 200 2.85 -1.17 -26.80
C ALA B 200 1.68 -1.00 -25.83
N ARG B 201 1.41 -2.01 -24.99
CA ARG B 201 0.21 -2.01 -24.16
C ARG B 201 0.28 -0.91 -23.10
N ILE B 202 1.40 -0.82 -22.39
CA ILE B 202 1.61 0.21 -21.38
C ILE B 202 1.67 1.58 -22.04
N SER B 203 2.20 1.66 -23.28
CA SER B 203 2.14 2.91 -24.04
C SER B 203 0.69 3.33 -24.32
N GLN B 204 -0.17 2.37 -24.70
CA GLN B 204 -1.58 2.65 -24.91
C GLN B 204 -2.26 3.03 -23.60
N TYR B 205 -1.87 2.41 -22.49
CA TYR B 205 -2.44 2.74 -21.18
C TYR B 205 -2.12 4.19 -20.81
N VAL B 206 -0.89 4.64 -21.09
CA VAL B 206 -0.50 5.98 -20.67
C VAL B 206 -1.26 7.04 -21.46
N ARG B 207 -1.42 6.84 -22.77
CA ARG B 207 -2.15 7.86 -23.50
C ARG B 207 -3.64 7.78 -23.19
N ASP B 208 -4.15 6.59 -22.88
CA ASP B 208 -5.53 6.51 -22.45
C ASP B 208 -5.73 7.25 -21.12
N ILE B 209 -4.76 7.12 -20.21
CA ILE B 209 -4.77 7.90 -18.97
C ILE B 209 -4.77 9.38 -19.26
N ARG B 210 -3.84 9.83 -20.09
CA ARG B 210 -3.69 11.24 -20.37
C ARG B 210 -4.95 11.85 -21.02
N ALA B 211 -5.83 11.01 -21.58
CA ALA B 211 -7.03 11.54 -22.22
C ALA B 211 -8.15 11.79 -21.25
N ARG B 212 -8.08 11.18 -20.08
CA ARG B 212 -9.12 11.28 -19.08
C ARG B 212 -9.26 12.70 -18.56
N ALA B 213 -10.48 13.24 -18.63
CA ALA B 213 -10.80 14.56 -18.10
C ALA B 213 -10.15 14.83 -16.74
N SER B 214 -10.36 13.92 -15.78
CA SER B 214 -9.90 14.16 -14.43
C SER B 214 -8.37 14.30 -14.41
N PHE B 215 -7.69 13.55 -15.26
CA PHE B 215 -6.24 13.68 -15.36
C PHE B 215 -5.85 15.01 -16.04
N VAL B 216 -6.44 15.30 -17.20
CA VAL B 216 -6.15 16.54 -17.90
C VAL B 216 -6.24 17.72 -16.94
N LYS B 217 -7.34 17.82 -16.21
CA LYS B 217 -7.48 19.04 -15.43
C LYS B 217 -6.52 19.07 -14.23
N SER B 218 -6.14 17.93 -13.66
CA SER B 218 -5.28 17.92 -12.48
C SER B 218 -3.82 17.95 -12.84
N TRP B 219 -3.52 17.75 -14.13
CA TRP B 219 -2.17 17.70 -14.63
C TRP B 219 -1.67 19.07 -15.06
N GLY B 220 -2.55 19.90 -15.65
CA GLY B 220 -2.17 21.24 -16.01
C GLY B 220 -1.08 21.35 -17.07
N GLY B 221 -0.89 20.32 -17.88
CA GLY B 221 -0.09 20.44 -19.09
C GLY B 221 1.34 19.94 -18.94
N ASP B 222 1.86 19.39 -20.04
CA ASP B 222 3.23 18.87 -20.04
C ASP B 222 4.24 19.99 -19.81
N ASP B 223 4.05 21.13 -20.47
CA ASP B 223 5.09 22.16 -20.41
C ASP B 223 5.30 22.62 -18.96
N VAL B 224 4.23 22.73 -18.17
CA VAL B 224 4.42 23.16 -16.77
C VAL B 224 4.92 22.02 -15.89
N GLN B 225 4.58 20.78 -16.24
CA GLN B 225 5.18 19.63 -15.57
C GLN B 225 6.67 19.48 -15.94
N LEU B 226 7.04 19.77 -17.19
CA LEU B 226 8.46 19.79 -17.54
C LEU B 226 9.23 20.82 -16.72
N GLU B 227 8.77 22.07 -16.77
CA GLU B 227 9.35 23.14 -15.96
C GLU B 227 9.48 22.71 -14.49
N ALA B 228 8.40 22.16 -13.93
CA ALA B 228 8.46 21.71 -12.53
C ALA B 228 9.57 20.68 -12.34
N ALA B 229 9.72 19.76 -13.29
CA ALA B 229 10.72 18.71 -13.15
C ALA B 229 12.14 19.20 -13.39
N LYS B 230 12.35 20.19 -14.27
CA LYS B 230 13.68 20.75 -14.45
C LYS B 230 14.20 21.48 -13.20
N ALA B 231 13.34 21.71 -12.20
CA ALA B 231 13.77 22.32 -10.95
C ALA B 231 13.83 21.33 -9.80
N ILE B 232 13.83 20.04 -10.10
CA ILE B 232 14.07 19.00 -9.10
C ILE B 232 15.54 18.62 -9.18
N PRO B 233 16.38 19.03 -8.22
CA PRO B 233 17.84 18.77 -8.32
C PRO B 233 18.20 17.30 -8.44
N MET B 234 17.51 16.43 -7.71
CA MET B 234 17.76 15.00 -7.81
C MET B 234 17.60 14.42 -9.23
N LEU B 235 17.00 15.14 -10.17
CA LEU B 235 16.90 14.59 -11.53
C LEU B 235 18.08 14.91 -12.43
N ARG B 236 19.07 15.64 -11.95
CA ARG B 236 20.17 16.13 -12.78
C ARG B 236 21.37 15.20 -12.70
N ARG B 237 21.79 14.65 -13.84
CA ARG B 237 23.11 14.05 -13.93
C ARG B 237 24.13 15.12 -13.53
N PRO B 238 25.13 14.77 -12.72
CA PRO B 238 26.28 15.67 -12.54
C PRO B 238 27.24 15.62 -13.73
N ALA B 239 27.96 16.72 -13.93
CA ALA B 239 29.01 16.83 -14.93
C ALA B 239 30.28 16.03 -14.54
MG MG C . 17.48 -0.77 -7.14
C4 EZE D . 9.50 8.53 -4.16
C5 EZE D . 9.26 8.27 -5.53
C6 EZE D . 8.88 9.34 -6.46
C7 EZE D . 8.69 10.59 -6.11
C8 EZE D . 8.38 11.72 -6.97
C10 EZE D . 8.11 14.10 -7.30
C13 EZE D . 8.16 12.64 -9.19
C15 EZE D . 8.28 11.54 -8.35
O1 EZE D . 10.30 5.17 -2.94
C2 EZE D . 9.95 6.20 -3.76
C3 EZE D . 9.84 7.51 -3.29
C9 EZE D . 8.28 13.01 -6.45
O11 EZE D . 7.89 15.36 -6.82
C12 EZE D . 8.07 13.93 -8.68
O14 EZE D . 8.26 12.49 -10.54
C16 EZE D . 9.35 6.93 -5.96
O17 EZE D . 9.04 6.58 -7.25
C18 EZE D . 9.70 5.92 -5.09
H21 EZE D . 9.43 9.54 -3.79
H22 EZE D . 8.78 9.06 -7.50
H23 EZE D . 8.78 10.86 -5.05
H28 EZE D . 8.29 10.53 -8.77
H19 EZE D . 10.46 5.53 -2.02
H20 EZE D . 10.01 7.74 -2.25
H24 EZE D . 8.34 13.16 -5.37
H25 EZE D . 7.89 15.31 -5.83
H26 EZE D . 7.97 14.78 -9.34
H27 EZE D . 9.19 12.70 -10.80
H29 EZE D . 9.44 7.26 -7.85
H30 EZE D . 9.78 4.89 -5.44
C4 EZH E . -1.04 -0.99 -0.62
C5 EZH E . -0.36 -0.03 0.14
C6 EZH E . -1.05 0.76 1.16
C7 EZH E . -2.31 0.81 1.55
C8 EZH E . -3.64 0.46 1.04
C10 EZH E . -5.79 -0.35 1.76
C13 EZH E . -5.38 -0.01 -0.57
C15 EZH E . -4.07 0.38 -0.28
O1 EZH E . 1.70 -2.92 -2.05
C2 EZH E . 1.03 -1.95 -1.34
C3 EZH E . -0.35 -1.95 -1.35
C9 EZH E . -4.53 0.10 2.06
O11 EZH E . -6.57 -0.81 2.80
C12 EZH E . -6.24 -0.40 0.45
O14 EZH E . -5.90 0.09 -1.84
C16 EZH E . 1.04 -0.03 0.09
O17 EZH E . 1.75 0.92 0.75
C18 EZH E . 1.73 -0.99 -0.63
H21 EZH E . -2.13 -1.00 -0.62
H22 EZH E . -0.37 1.41 1.71
H23 EZH E . -2.43 1.26 2.53
H28 EZH E . -3.37 0.62 -1.09
H19 EZH E . 2.68 -2.80 -1.95
H20 EZH E . -0.93 -2.68 -1.92
H24 EZH E . -4.19 0.17 3.11
H25 EZH E . -7.45 -1.11 2.43
H26 EZH E . -7.25 -0.72 0.21
H27 EZH E . -6.21 1.03 -1.96
H29 EZH E . 1.24 1.78 0.69
H30 EZH E . 2.81 -1.01 -0.62
#